data_5J40
#
_entry.id   5J40
#
_cell.length_a   109.910
_cell.length_b   109.910
_cell.length_c   67.890
_cell.angle_alpha   90.000
_cell.angle_beta   90.000
_cell.angle_gamma   120.000
#
_symmetry.space_group_name_H-M   'P 6'
#
loop_
_entity.id
_entity.type
_entity.pdbx_description
1 polymer 'Large T antigen'
2 non-polymer 'ZINC ION'
3 non-polymer '2-(N-MORPHOLINO)-ETHANESULFONIC ACID'
4 non-polymer 'SULFATE ION'
5 water water
#
_entity_poly.entity_id   1
_entity_poly.type   'polypeptide(L)'
_entity_poly.pdbx_seq_one_letter_code
;GSHMEEPEETKQVSWKLVTQYALDTKCEDVFLLMGMYLNFQEAPAACAACAAADQPNHFNHHEKHYYNAQIFADSKNQKS
ICQQAVDTVAAKQRVDSLHMTREEMLVERFNFLLDKMDLIFGAHGNAVLEQYMAGVAWIHCLLPQMDTVIYEFLKCIVLN
IPKKRYWLFKGPIDSGKTTLAAALLDLCGGKSLNVNMPLERLNFELGVGIDQFMVVFEDVKGTGAESRDLPSGHGISNLD
CLRDYLDGSVKVNLERKHQNKRTQVFPPGIVTMNEYSVPRTLQARFVRQIDFRPKAYLRKSLSCSEYLLEKRILQSGMTL
LLLLIWFRPVADFAAAIHERIVQWKERLDLEISMYTFSTMKANVGMGAPILD
;
_entity_poly.pdbx_strand_id   A
#
# COMPACT_ATOMS: atom_id res chain seq x y z
N THR A 10 13.20 35.37 -25.81
CA THR A 10 12.83 35.06 -24.43
C THR A 10 13.37 33.69 -23.97
N LYS A 11 13.54 33.54 -22.63
CA LYS A 11 14.03 32.31 -21.99
C LYS A 11 13.05 31.16 -22.22
N GLN A 12 13.58 29.95 -22.41
CA GLN A 12 12.79 28.74 -22.68
C GLN A 12 12.82 27.77 -21.48
N VAL A 13 11.63 27.30 -21.05
CA VAL A 13 11.51 26.33 -19.96
C VAL A 13 12.00 24.97 -20.43
N SER A 14 12.77 24.28 -19.61
CA SER A 14 13.25 22.96 -19.97
C SER A 14 12.14 21.97 -19.58
N TRP A 15 11.44 21.43 -20.59
CA TRP A 15 10.37 20.44 -20.43
C TRP A 15 10.99 19.17 -19.85
N LYS A 16 12.23 18.83 -20.30
CA LYS A 16 13.00 17.65 -19.85
C LYS A 16 13.24 17.71 -18.34
N LEU A 17 13.64 18.88 -17.79
CA LEU A 17 13.83 19.06 -16.33
C LEU A 17 12.51 18.91 -15.56
N VAL A 18 11.37 19.36 -16.14
CA VAL A 18 10.07 19.22 -15.44
C VAL A 18 9.74 17.71 -15.38
N THR A 19 9.98 17.01 -16.50
CA THR A 19 9.79 15.58 -16.65
C THR A 19 10.61 14.79 -15.64
N GLN A 20 11.89 15.16 -15.48
CA GLN A 20 12.80 14.54 -14.52
C GLN A 20 12.29 14.66 -13.09
N TYR A 21 11.74 15.84 -12.72
CA TYR A 21 11.16 16.05 -11.39
C TYR A 21 9.95 15.10 -11.19
N ALA A 22 9.04 15.03 -12.18
CA ALA A 22 7.89 14.12 -12.14
C ALA A 22 8.37 12.66 -12.03
N LEU A 23 9.43 12.28 -12.77
CA LEU A 23 9.97 10.93 -12.74
C LEU A 23 10.57 10.62 -11.36
N ASP A 24 11.41 11.51 -10.82
CA ASP A 24 12.03 11.34 -9.50
C ASP A 24 10.98 11.22 -8.39
N THR A 25 9.84 11.90 -8.52
CA THR A 25 8.80 11.92 -7.49
C THR A 25 7.62 11.00 -7.83
N LYS A 26 7.70 10.29 -8.98
CA LYS A 26 6.65 9.39 -9.50
C LYS A 26 5.28 10.11 -9.60
N CYS A 27 5.30 11.39 -10.02
CA CYS A 27 4.11 12.22 -10.14
C CYS A 27 3.18 11.81 -11.29
N GLU A 28 1.94 11.41 -10.92
CA GLU A 28 0.88 10.95 -11.84
C GLU A 28 -0.28 11.96 -11.96
N ASP A 29 -0.17 13.09 -11.28
CA ASP A 29 -1.21 14.13 -11.23
C ASP A 29 -0.66 15.45 -11.81
N VAL A 30 -1.21 15.86 -12.96
CA VAL A 30 -0.86 17.06 -13.73
C VAL A 30 -0.96 18.32 -12.86
N PHE A 31 -2.07 18.48 -12.07
CA PHE A 31 -2.29 19.62 -11.18
C PHE A 31 -1.33 19.64 -10.00
N LEU A 32 -1.04 18.46 -9.41
CA LEU A 32 -0.09 18.37 -8.30
C LEU A 32 1.32 18.75 -8.75
N LEU A 33 1.71 18.30 -9.96
CA LEU A 33 3.02 18.60 -10.54
C LEU A 33 3.17 20.12 -10.74
N MET A 34 2.13 20.73 -11.34
CA MET A 34 2.03 22.17 -11.62
C MET A 34 2.23 22.96 -10.32
N GLY A 35 1.48 22.61 -9.29
CA GLY A 35 1.56 23.26 -7.98
C GLY A 35 2.91 23.13 -7.32
N MET A 36 3.45 21.90 -7.26
CA MET A 36 4.79 21.60 -6.69
C MET A 36 5.90 22.36 -7.45
N TYR A 37 5.82 22.41 -8.81
CA TYR A 37 6.84 23.08 -9.62
C TYR A 37 6.83 24.59 -9.45
N LEU A 38 5.63 25.19 -9.37
CA LEU A 38 5.51 26.61 -9.12
C LEU A 38 6.10 26.98 -7.76
N ASN A 39 6.00 26.09 -6.76
CA ASN A 39 6.55 26.31 -5.41
C ASN A 39 8.09 26.30 -5.33
N PHE A 40 8.78 26.08 -6.47
CA PHE A 40 10.24 26.14 -6.56
C PHE A 40 10.71 27.52 -7.07
N GLN A 41 9.77 28.41 -7.45
CA GLN A 41 10.10 29.68 -8.09
C GLN A 41 10.75 30.77 -7.17
N GLU A 42 10.60 30.71 -5.84
CA GLU A 42 11.23 31.68 -4.93
C GLU A 42 12.61 31.19 -4.50
N ALA A 43 13.55 32.12 -4.21
CA ALA A 43 14.93 31.80 -3.82
C ALA A 43 15.05 30.71 -2.72
N PRO A 44 15.83 29.63 -2.96
CA PRO A 44 15.97 28.58 -1.92
C PRO A 44 16.60 29.10 -0.63
N ALA A 45 17.48 30.12 -0.72
CA ALA A 45 18.18 30.73 0.44
C ALA A 45 17.23 31.25 1.52
N ALA A 46 16.09 31.83 1.11
CA ALA A 46 15.08 32.35 2.04
C ALA A 46 13.81 31.47 2.07
N CYS A 47 13.93 30.21 1.60
CA CYS A 47 12.78 29.30 1.60
C CYS A 47 12.52 28.67 2.96
N ALA A 48 11.33 28.96 3.53
CA ALA A 48 10.91 28.42 4.82
C ALA A 48 10.66 26.90 4.72
N ALA A 49 10.12 26.43 3.57
CA ALA A 49 9.85 25.00 3.37
C ALA A 49 11.14 24.18 3.36
N CYS A 50 12.23 24.70 2.73
CA CYS A 50 13.53 24.04 2.72
C CYS A 50 14.10 24.01 4.14
N ALA A 51 13.91 25.12 4.89
CA ALA A 51 14.35 25.30 6.28
C ALA A 51 13.66 24.32 7.23
N ALA A 52 12.33 24.09 7.04
CA ALA A 52 11.52 23.15 7.82
C ALA A 52 11.93 21.68 7.54
N ALA A 53 12.44 21.40 6.32
CA ALA A 53 12.91 20.09 5.84
C ALA A 53 11.94 18.91 6.13
N ASP A 54 10.62 19.14 5.95
CA ASP A 54 9.59 18.14 6.23
C ASP A 54 8.88 17.56 4.98
N GLN A 55 9.19 18.08 3.79
CA GLN A 55 8.59 17.58 2.53
C GLN A 55 9.69 17.31 1.51
N PRO A 56 10.23 16.05 1.48
CA PRO A 56 11.36 15.73 0.57
C PRO A 56 11.13 16.02 -0.88
N ASN A 57 9.89 15.88 -1.38
CA ASN A 57 9.56 16.18 -2.78
C ASN A 57 9.72 17.67 -3.10
N HIS A 58 9.85 18.51 -2.03
CA HIS A 58 10.16 19.92 -2.16
C HIS A 58 11.65 20.19 -1.93
N PHE A 59 12.13 19.97 -0.68
CA PHE A 59 13.48 20.33 -0.22
C PHE A 59 14.65 19.61 -0.94
N ASN A 60 14.41 18.43 -1.55
CA ASN A 60 15.49 17.74 -2.27
C ASN A 60 15.60 18.16 -3.73
N HIS A 61 14.63 18.96 -4.18
CA HIS A 61 14.54 19.37 -5.57
C HIS A 61 14.55 20.89 -5.80
N HIS A 62 14.28 21.70 -4.76
CA HIS A 62 14.19 23.16 -4.89
C HIS A 62 15.42 23.80 -5.54
N GLU A 63 16.63 23.48 -5.08
CA GLU A 63 17.87 24.05 -5.62
C GLU A 63 18.09 23.71 -7.10
N LYS A 64 17.91 22.43 -7.48
CA LYS A 64 18.06 21.93 -8.85
C LYS A 64 17.00 22.55 -9.81
N HIS A 65 15.80 22.88 -9.30
CA HIS A 65 14.71 23.35 -10.17
C HIS A 65 14.36 24.83 -10.10
N TYR A 66 15.03 25.62 -9.22
CA TYR A 66 14.79 27.05 -9.00
C TYR A 66 14.75 27.90 -10.29
N TYR A 67 15.84 27.92 -11.07
CA TYR A 67 15.91 28.76 -12.29
C TYR A 67 14.88 28.37 -13.34
N ASN A 68 14.64 27.06 -13.50
CA ASN A 68 13.66 26.52 -14.46
C ASN A 68 12.23 26.84 -14.01
N ALA A 69 11.99 26.84 -12.69
CA ALA A 69 10.69 27.12 -12.08
C ALA A 69 10.33 28.57 -12.22
N GLN A 70 11.35 29.46 -12.19
CA GLN A 70 11.13 30.88 -12.42
C GLN A 70 10.64 31.07 -13.85
N ILE A 71 11.30 30.38 -14.85
CA ILE A 71 10.93 30.44 -16.27
C ILE A 71 9.55 29.84 -16.46
N PHE A 72 9.27 28.71 -15.78
CA PHE A 72 7.98 28.04 -15.79
C PHE A 72 6.85 28.97 -15.31
N ALA A 73 7.14 29.84 -14.31
CA ALA A 73 6.15 30.80 -13.78
C ALA A 73 5.73 31.83 -14.86
N ASP A 74 6.62 32.11 -15.83
CA ASP A 74 6.39 33.03 -16.94
C ASP A 74 5.78 32.36 -18.19
N SER A 75 5.66 31.00 -18.18
CA SER A 75 5.13 30.21 -19.30
C SER A 75 3.62 30.39 -19.54
N LYS A 76 3.23 30.39 -20.82
CA LYS A 76 1.83 30.48 -21.29
C LYS A 76 1.33 29.06 -21.63
N ASN A 77 2.12 28.03 -21.30
CA ASN A 77 1.78 26.66 -21.69
C ASN A 77 2.09 25.66 -20.55
N GLN A 78 1.83 26.07 -19.29
CA GLN A 78 2.16 25.26 -18.09
C GLN A 78 1.49 23.89 -18.06
N LYS A 79 0.18 23.81 -18.36
CA LYS A 79 -0.53 22.53 -18.32
C LYS A 79 0.03 21.55 -19.34
N SER A 80 0.39 22.02 -20.56
CA SER A 80 0.98 21.12 -21.57
C SER A 80 2.32 20.56 -21.10
N ILE A 81 3.18 21.40 -20.49
CA ILE A 81 4.50 20.98 -20.01
C ILE A 81 4.31 19.86 -19.00
N CYS A 82 3.36 20.03 -18.08
CA CYS A 82 3.05 19.06 -17.03
C CYS A 82 2.39 17.79 -17.55
N GLN A 83 1.56 17.89 -18.59
CA GLN A 83 0.89 16.75 -19.22
C GLN A 83 1.93 15.85 -19.88
N GLN A 84 2.94 16.45 -20.56
CA GLN A 84 4.02 15.64 -21.14
C GLN A 84 4.81 14.94 -20.02
N ALA A 85 5.11 15.67 -18.93
CA ALA A 85 5.87 15.10 -17.80
C ALA A 85 5.12 13.91 -17.17
N VAL A 86 3.82 14.07 -16.90
CA VAL A 86 2.98 13.01 -16.33
C VAL A 86 2.80 11.83 -17.33
N ASP A 87 2.80 12.10 -18.67
CA ASP A 87 2.73 11.04 -19.69
C ASP A 87 3.99 10.17 -19.67
N THR A 88 5.17 10.79 -19.47
CA THR A 88 6.48 10.13 -19.40
C THR A 88 6.54 9.19 -18.19
N VAL A 89 5.91 9.59 -17.05
CA VAL A 89 5.83 8.79 -15.84
C VAL A 89 4.97 7.55 -16.15
N ALA A 90 3.80 7.74 -16.82
CA ALA A 90 2.92 6.63 -17.21
C ALA A 90 3.62 5.70 -18.24
N ALA A 91 4.42 6.28 -19.17
CA ALA A 91 5.21 5.58 -20.19
C ALA A 91 6.23 4.68 -19.52
N LYS A 92 6.91 5.20 -18.47
CA LYS A 92 7.89 4.48 -17.66
C LYS A 92 7.20 3.30 -16.95
N GLN A 93 6.02 3.54 -16.38
CA GLN A 93 5.22 2.49 -15.72
C GLN A 93 4.85 1.37 -16.72
N ARG A 94 4.56 1.72 -18.00
CA ARG A 94 4.24 0.75 -19.06
C ARG A 94 5.46 -0.14 -19.34
N VAL A 95 6.64 0.51 -19.47
CA VAL A 95 7.90 -0.18 -19.71
C VAL A 95 8.18 -1.13 -18.55
N ASP A 96 8.10 -0.62 -17.30
CA ASP A 96 8.38 -1.41 -16.10
C ASP A 96 7.41 -2.59 -15.94
N SER A 97 6.12 -2.40 -16.24
CA SER A 97 5.13 -3.47 -16.15
C SER A 97 5.43 -4.63 -17.05
N LEU A 98 6.23 -4.41 -18.09
CA LEU A 98 6.60 -5.45 -19.03
C LEU A 98 8.01 -5.98 -18.85
N HIS A 99 8.94 -5.16 -18.36
CA HIS A 99 10.35 -5.53 -18.22
C HIS A 99 10.82 -5.81 -16.81
N MET A 100 10.27 -5.13 -15.80
CA MET A 100 10.69 -5.36 -14.41
C MET A 100 10.19 -6.70 -13.92
N THR A 101 11.00 -7.38 -13.09
CA THR A 101 10.56 -8.63 -12.46
C THR A 101 9.70 -8.17 -11.27
N ARG A 102 8.79 -9.02 -10.81
CA ARG A 102 7.89 -8.73 -9.70
C ARG A 102 8.65 -8.50 -8.41
N GLU A 103 9.86 -9.09 -8.26
CA GLU A 103 10.69 -8.87 -7.08
C GLU A 103 11.18 -7.42 -7.08
N GLU A 104 11.61 -6.91 -8.25
CA GLU A 104 12.10 -5.53 -8.43
C GLU A 104 10.96 -4.55 -8.18
N MET A 105 9.74 -4.93 -8.56
CA MET A 105 8.54 -4.13 -8.34
C MET A 105 8.33 -4.00 -6.83
N LEU A 106 8.42 -5.13 -6.07
CA LEU A 106 8.28 -5.09 -4.63
C LEU A 106 9.39 -4.26 -3.93
N VAL A 107 10.65 -4.37 -4.41
CA VAL A 107 11.80 -3.61 -3.88
C VAL A 107 11.54 -2.09 -4.03
N GLU A 108 10.98 -1.69 -5.20
CA GLU A 108 10.60 -0.32 -5.55
C GLU A 108 9.56 0.19 -4.53
N ARG A 109 8.53 -0.62 -4.24
CA ARG A 109 7.51 -0.25 -3.26
C ARG A 109 8.13 -0.18 -1.83
N PHE A 110 9.03 -1.11 -1.50
CA PHE A 110 9.71 -1.13 -0.20
C PHE A 110 10.59 0.09 -0.01
N ASN A 111 11.29 0.53 -1.07
CA ASN A 111 12.11 1.73 -1.00
C ASN A 111 11.25 2.99 -0.84
N PHE A 112 10.02 2.98 -1.38
CA PHE A 112 9.06 4.08 -1.27
C PHE A 112 8.60 4.20 0.20
N LEU A 113 8.24 3.05 0.82
CA LEU A 113 7.79 3.03 2.23
C LEU A 113 8.92 3.41 3.18
N LEU A 114 10.15 2.92 2.92
CA LEU A 114 11.35 3.23 3.72
C LEU A 114 11.68 4.74 3.64
N ASP A 115 11.43 5.39 2.48
CA ASP A 115 11.64 6.85 2.31
C ASP A 115 10.73 7.64 3.27
N LYS A 116 9.44 7.25 3.34
CA LYS A 116 8.41 7.82 4.19
C LYS A 116 8.79 7.62 5.66
N MET A 117 9.30 6.41 5.98
CA MET A 117 9.72 5.99 7.31
C MET A 117 10.91 6.82 7.79
N ASP A 118 11.90 7.03 6.90
CA ASP A 118 13.07 7.86 7.19
C ASP A 118 12.60 9.29 7.53
N LEU A 119 11.56 9.76 6.85
CA LEU A 119 11.01 11.10 7.08
C LEU A 119 10.21 11.24 8.40
N ILE A 120 9.09 10.48 8.55
CA ILE A 120 8.17 10.59 9.68
C ILE A 120 8.85 10.24 11.05
N PHE A 121 9.82 9.30 11.07
CA PHE A 121 10.56 8.91 12.28
C PHE A 121 11.94 9.59 12.42
N GLY A 122 12.24 10.54 11.53
CA GLY A 122 13.49 11.28 11.55
C GLY A 122 13.43 12.61 12.30
N ALA A 123 14.52 13.40 12.23
CA ALA A 123 14.66 14.70 12.91
C ALA A 123 13.56 15.73 12.61
N HIS A 124 12.96 15.68 11.41
CA HIS A 124 11.92 16.63 11.02
C HIS A 124 10.53 15.98 10.89
N GLY A 125 10.37 14.81 11.51
CA GLY A 125 9.13 14.05 11.52
C GLY A 125 8.36 14.17 12.83
N ASN A 126 7.07 13.81 12.80
CA ASN A 126 6.18 13.90 13.98
C ASN A 126 5.64 12.56 14.46
N ALA A 127 5.97 11.45 13.76
CA ALA A 127 5.53 10.10 14.13
C ALA A 127 6.37 9.54 15.28
N VAL A 128 5.74 8.70 16.12
CA VAL A 128 6.35 8.09 17.31
C VAL A 128 6.59 6.62 16.98
N LEU A 129 7.85 6.21 16.88
CA LEU A 129 8.20 4.83 16.49
C LEU A 129 7.65 3.75 17.43
N GLU A 130 7.64 4.02 18.74
CA GLU A 130 7.11 3.10 19.76
C GLU A 130 5.62 2.83 19.53
N GLN A 131 4.88 3.83 19.00
CA GLN A 131 3.45 3.67 18.69
C GLN A 131 3.24 2.68 17.52
N TYR A 132 4.09 2.75 16.51
CA TYR A 132 4.07 1.87 15.35
C TYR A 132 4.44 0.47 15.77
N MET A 133 5.43 0.34 16.68
CA MET A 133 5.87 -0.94 17.21
C MET A 133 4.78 -1.57 18.07
N ALA A 134 3.96 -0.73 18.75
CA ALA A 134 2.80 -1.20 19.49
C ALA A 134 1.78 -1.76 18.47
N GLY A 135 1.69 -1.15 17.28
CA GLY A 135 0.86 -1.59 16.14
C GLY A 135 1.32 -2.93 15.62
N VAL A 136 2.65 -3.11 15.50
CA VAL A 136 3.30 -4.36 15.14
C VAL A 136 2.86 -5.47 16.12
N ALA A 137 2.93 -5.19 17.44
CA ALA A 137 2.53 -6.16 18.47
C ALA A 137 1.05 -6.59 18.34
N TRP A 138 0.14 -5.62 18.13
CA TRP A 138 -1.30 -5.89 17.93
C TRP A 138 -1.51 -6.75 16.70
N ILE A 139 -0.90 -6.38 15.53
CA ILE A 139 -0.98 -7.13 14.27
C ILE A 139 -0.41 -8.56 14.49
N HIS A 140 0.72 -8.68 15.25
CA HIS A 140 1.32 -10.01 15.49
C HIS A 140 0.43 -10.89 16.38
N CYS A 141 -0.56 -10.29 17.06
CA CYS A 141 -1.56 -11.02 17.88
C CYS A 141 -2.82 -11.38 17.09
N LEU A 142 -3.02 -10.79 15.89
CA LEU A 142 -4.24 -11.01 15.08
C LEU A 142 -4.36 -12.43 14.54
N LEU A 143 -3.23 -13.05 14.17
CA LEU A 143 -3.21 -14.41 13.65
C LEU A 143 -1.97 -15.12 14.20
N PRO A 144 -1.95 -16.49 14.29
CA PRO A 144 -0.71 -17.18 14.68
C PRO A 144 0.32 -17.08 13.54
N GLN A 145 1.64 -17.14 13.87
CA GLN A 145 2.75 -17.04 12.90
C GLN A 145 2.53 -15.87 11.89
N MET A 146 2.14 -14.69 12.40
CA MET A 146 1.81 -13.53 11.55
C MET A 146 2.96 -13.09 10.63
N ASP A 147 4.21 -13.12 11.09
CA ASP A 147 5.34 -12.75 10.23
C ASP A 147 5.45 -13.71 9.05
N THR A 148 5.11 -14.99 9.27
CA THR A 148 5.10 -15.99 8.22
C THR A 148 3.91 -15.76 7.31
N VAL A 149 2.72 -15.44 7.87
CA VAL A 149 1.51 -15.17 7.05
C VAL A 149 1.81 -14.02 6.08
N ILE A 150 2.37 -12.89 6.60
CA ILE A 150 2.75 -11.73 5.76
C ILE A 150 3.79 -12.15 4.70
N TYR A 151 4.85 -12.86 5.14
CA TYR A 151 5.91 -13.33 4.24
C TYR A 151 5.40 -14.29 3.17
N GLU A 152 4.51 -15.24 3.52
CA GLU A 152 3.94 -16.19 2.53
C GLU A 152 3.01 -15.46 1.54
N PHE A 153 2.36 -14.35 1.97
CA PHE A 153 1.52 -13.52 1.11
C PHE A 153 2.39 -12.81 0.08
N LEU A 154 3.50 -12.19 0.54
CA LEU A 154 4.43 -11.50 -0.34
C LEU A 154 4.97 -12.45 -1.41
N LYS A 155 5.24 -13.72 -1.03
CA LYS A 155 5.76 -14.70 -1.97
C LYS A 155 4.71 -15.10 -3.00
N CYS A 156 3.44 -15.26 -2.58
CA CYS A 156 2.28 -15.55 -3.45
C CYS A 156 2.07 -14.39 -4.48
N ILE A 157 2.26 -13.11 -4.06
CA ILE A 157 2.08 -11.93 -4.94
C ILE A 157 3.27 -11.78 -5.94
N VAL A 158 4.51 -12.00 -5.44
CA VAL A 158 5.71 -11.93 -6.28
C VAL A 158 5.72 -13.07 -7.29
N LEU A 159 5.49 -14.32 -6.84
CA LEU A 159 5.48 -15.49 -7.75
C LEU A 159 4.34 -15.46 -8.73
N ASN A 160 3.16 -14.91 -8.32
CA ASN A 160 1.99 -14.70 -9.21
C ASN A 160 1.65 -15.97 -10.00
N ILE A 161 1.59 -17.10 -9.30
CA ILE A 161 1.31 -18.40 -9.91
C ILE A 161 -0.17 -18.50 -10.32
N PRO A 162 -0.47 -18.89 -11.58
CA PRO A 162 -1.88 -19.03 -11.99
C PRO A 162 -2.66 -19.97 -11.09
N LYS A 163 -3.91 -19.56 -10.73
CA LYS A 163 -4.89 -20.29 -9.90
C LYS A 163 -4.47 -20.38 -8.44
N LYS A 164 -3.28 -19.85 -8.10
CA LYS A 164 -2.69 -19.86 -6.76
C LYS A 164 -2.18 -18.46 -6.39
N ARG A 165 -2.98 -17.45 -6.74
CA ARG A 165 -2.67 -16.03 -6.61
C ARG A 165 -3.68 -15.21 -5.76
N TYR A 166 -4.81 -15.83 -5.35
CA TYR A 166 -5.82 -15.15 -4.52
C TYR A 166 -6.06 -15.78 -3.15
N TRP A 167 -6.08 -14.93 -2.11
CA TRP A 167 -6.40 -15.31 -0.74
C TRP A 167 -7.79 -14.76 -0.39
N LEU A 168 -8.57 -15.52 0.37
CA LEU A 168 -9.90 -15.11 0.82
C LEU A 168 -9.87 -14.79 2.31
N PHE A 169 -10.22 -13.54 2.69
CA PHE A 169 -10.27 -13.13 4.10
C PHE A 169 -11.75 -13.13 4.45
N LYS A 170 -12.16 -13.99 5.38
CA LYS A 170 -13.58 -14.09 5.72
C LYS A 170 -13.86 -13.88 7.20
N GLY A 171 -14.85 -13.05 7.51
CA GLY A 171 -15.23 -12.80 8.89
C GLY A 171 -16.20 -11.67 9.11
N PRO A 172 -16.79 -11.56 10.33
CA PRO A 172 -17.69 -10.43 10.60
C PRO A 172 -16.96 -9.09 10.64
N ILE A 173 -17.70 -7.98 10.85
CA ILE A 173 -17.10 -6.66 10.98
C ILE A 173 -16.27 -6.62 12.29
N ASP A 174 -15.26 -5.72 12.39
CA ASP A 174 -14.41 -5.56 13.60
C ASP A 174 -13.56 -6.82 13.93
N SER A 175 -13.40 -7.73 12.96
CA SER A 175 -12.62 -8.95 13.07
C SER A 175 -11.15 -8.75 12.59
N GLY A 176 -10.86 -7.57 12.02
CA GLY A 176 -9.54 -7.24 11.52
C GLY A 176 -9.24 -7.62 10.08
N LYS A 177 -10.22 -8.20 9.35
CA LYS A 177 -10.02 -8.61 7.95
C LYS A 177 -9.78 -7.43 6.98
N THR A 178 -10.54 -6.33 7.14
CA THR A 178 -10.46 -5.12 6.34
C THR A 178 -9.14 -4.40 6.59
N THR A 179 -8.75 -4.27 7.88
CA THR A 179 -7.51 -3.65 8.34
C THR A 179 -6.27 -4.36 7.76
N LEU A 180 -6.19 -5.71 7.90
CA LEU A 180 -5.06 -6.50 7.41
C LEU A 180 -4.97 -6.47 5.88
N ALA A 181 -6.12 -6.56 5.17
CA ALA A 181 -6.12 -6.48 3.69
C ALA A 181 -5.66 -5.10 3.21
N ALA A 182 -6.08 -4.03 3.89
CA ALA A 182 -5.67 -2.66 3.58
C ALA A 182 -4.16 -2.47 3.83
N ALA A 183 -3.64 -3.07 4.93
CA ALA A 183 -2.23 -2.99 5.30
C ALA A 183 -1.38 -3.74 4.29
N LEU A 184 -1.86 -4.93 3.83
CA LEU A 184 -1.17 -5.72 2.81
C LEU A 184 -1.14 -5.01 1.45
N LEU A 185 -2.27 -4.35 1.08
CA LEU A 185 -2.37 -3.59 -0.17
CA LEU A 185 -2.42 -3.55 -0.15
C LEU A 185 -1.37 -2.42 -0.10
N ASP A 186 -1.28 -1.73 1.05
CA ASP A 186 -0.34 -0.62 1.22
C ASP A 186 1.13 -1.07 1.20
N LEU A 187 1.41 -2.28 1.68
CA LEU A 187 2.77 -2.87 1.70
C LEU A 187 3.25 -3.23 0.28
N CYS A 188 2.34 -3.71 -0.59
CA CYS A 188 2.62 -4.11 -1.97
C CYS A 188 2.36 -3.00 -3.01
N GLY A 189 1.46 -2.09 -2.68
CA GLY A 189 1.02 -1.03 -3.58
C GLY A 189 -0.02 -1.60 -4.53
N GLY A 190 -1.09 -0.89 -4.72
CA GLY A 190 -2.16 -1.36 -5.59
C GLY A 190 -3.48 -0.67 -5.31
N LYS A 191 -4.58 -1.25 -5.83
CA LYS A 191 -5.91 -0.61 -5.68
C LYS A 191 -6.97 -1.51 -5.07
N SER A 192 -7.91 -0.92 -4.30
CA SER A 192 -9.08 -1.65 -3.76
C SER A 192 -10.23 -1.42 -4.73
N LEU A 193 -10.95 -2.48 -5.07
CA LEU A 193 -12.06 -2.46 -6.02
C LEU A 193 -13.38 -2.79 -5.34
N ASN A 194 -14.48 -2.29 -5.92
CA ASN A 194 -15.83 -2.55 -5.44
C ASN A 194 -16.60 -3.25 -6.55
N VAL A 195 -16.89 -4.55 -6.38
CA VAL A 195 -17.64 -5.35 -7.36
C VAL A 195 -19.09 -5.59 -6.94
N ASN A 196 -19.62 -4.81 -5.99
CA ASN A 196 -21.02 -4.96 -5.55
C ASN A 196 -22.05 -4.32 -6.51
N MET A 197 -21.56 -3.64 -7.56
CA MET A 197 -22.33 -2.96 -8.61
C MET A 197 -22.85 -3.96 -9.66
N PRO A 198 -23.82 -3.61 -10.53
CA PRO A 198 -24.25 -4.57 -11.58
C PRO A 198 -23.16 -4.72 -12.65
N LEU A 199 -23.13 -5.88 -13.34
CA LEU A 199 -22.17 -6.23 -14.41
C LEU A 199 -21.95 -5.15 -15.50
N GLU A 200 -22.97 -4.31 -15.77
CA GLU A 200 -22.95 -3.22 -16.75
C GLU A 200 -21.83 -2.18 -16.44
N ARG A 201 -21.67 -1.85 -15.14
CA ARG A 201 -20.66 -0.89 -14.67
C ARG A 201 -19.32 -1.54 -14.29
N LEU A 202 -19.31 -2.88 -14.15
CA LEU A 202 -18.17 -3.71 -13.75
C LEU A 202 -16.87 -3.52 -14.51
N ASN A 203 -16.91 -3.50 -15.86
CA ASN A 203 -15.70 -3.41 -16.68
C ASN A 203 -14.84 -2.15 -16.43
N PHE A 204 -15.47 -1.00 -16.11
CA PHE A 204 -14.73 0.24 -15.81
C PHE A 204 -14.09 0.18 -14.41
N GLU A 205 -14.67 -0.63 -13.49
CA GLU A 205 -14.14 -0.84 -12.14
C GLU A 205 -12.97 -1.83 -12.26
N LEU A 206 -13.15 -2.88 -13.08
CA LEU A 206 -12.11 -3.88 -13.31
C LEU A 206 -10.90 -3.23 -13.99
N GLY A 207 -11.14 -2.11 -14.69
CA GLY A 207 -10.13 -1.31 -15.37
C GLY A 207 -9.18 -0.62 -14.42
N VAL A 208 -9.60 -0.42 -13.15
CA VAL A 208 -8.77 0.21 -12.10
C VAL A 208 -7.49 -0.62 -11.82
N GLY A 209 -7.51 -1.90 -12.23
CA GLY A 209 -6.39 -2.82 -12.06
C GLY A 209 -5.24 -2.70 -13.05
N ILE A 210 -5.32 -1.78 -14.03
CA ILE A 210 -4.29 -1.59 -15.07
C ILE A 210 -2.93 -1.17 -14.47
N ASP A 211 -1.87 -1.95 -14.78
CA ASP A 211 -0.47 -1.81 -14.31
C ASP A 211 -0.32 -1.87 -12.78
N GLN A 212 -1.35 -2.33 -12.05
CA GLN A 212 -1.32 -2.44 -10.59
C GLN A 212 -0.61 -3.73 -10.16
N PHE A 213 0.22 -3.67 -9.09
CA PHE A 213 0.97 -4.83 -8.58
C PHE A 213 0.02 -5.87 -7.92
N MET A 214 -1.01 -5.41 -7.21
CA MET A 214 -2.03 -6.28 -6.63
C MET A 214 -3.33 -5.51 -6.48
N VAL A 215 -4.45 -6.20 -6.24
CA VAL A 215 -5.75 -5.59 -5.96
C VAL A 215 -6.42 -6.25 -4.73
N VAL A 216 -7.37 -5.52 -4.10
CA VAL A 216 -8.23 -6.03 -3.05
C VAL A 216 -9.65 -5.83 -3.50
N PHE A 217 -10.44 -6.90 -3.55
CA PHE A 217 -11.87 -6.81 -3.80
C PHE A 217 -12.40 -6.73 -2.39
N GLU A 218 -12.64 -5.51 -1.95
CA GLU A 218 -13.03 -5.27 -0.57
C GLU A 218 -14.52 -5.41 -0.35
N ASP A 219 -14.89 -6.07 0.78
CA ASP A 219 -16.25 -6.22 1.28
C ASP A 219 -17.26 -6.69 0.23
N VAL A 220 -16.91 -7.78 -0.44
CA VAL A 220 -17.75 -8.43 -1.47
C VAL A 220 -19.00 -8.96 -0.76
N LYS A 221 -20.20 -8.74 -1.31
CA LYS A 221 -21.46 -9.18 -0.70
C LYS A 221 -22.11 -10.33 -1.49
N GLY A 222 -22.91 -11.11 -0.79
CA GLY A 222 -23.71 -12.19 -1.35
C GLY A 222 -25.19 -11.86 -1.23
N THR A 223 -26.04 -12.86 -1.46
CA THR A 223 -27.50 -12.73 -1.40
C THR A 223 -28.09 -13.66 -0.35
N GLY A 224 -29.37 -13.45 -0.05
CA GLY A 224 -30.15 -14.22 0.92
C GLY A 224 -29.53 -14.45 2.28
N ALA A 225 -28.80 -13.44 2.81
CA ALA A 225 -28.18 -13.50 4.13
C ALA A 225 -28.79 -12.43 5.06
N GLU A 226 -29.99 -11.92 4.70
CA GLU A 226 -30.73 -10.89 5.45
C GLU A 226 -31.16 -11.37 6.84
N SER A 227 -31.40 -12.68 6.96
CA SER A 227 -31.78 -13.39 8.18
C SER A 227 -30.61 -13.44 9.18
N ARG A 228 -29.38 -13.09 8.73
CA ARG A 228 -28.17 -13.02 9.55
C ARG A 228 -27.72 -11.56 9.64
N ASP A 229 -28.55 -10.62 9.17
CA ASP A 229 -28.29 -9.17 9.15
C ASP A 229 -27.06 -8.80 8.26
N LEU A 230 -26.83 -9.58 7.18
CA LEU A 230 -25.77 -9.34 6.21
C LEU A 230 -26.40 -8.72 4.96
N PRO A 231 -25.93 -7.54 4.51
CA PRO A 231 -26.57 -6.89 3.35
C PRO A 231 -26.39 -7.62 2.02
N SER A 232 -27.37 -7.44 1.13
CA SER A 232 -27.35 -8.03 -0.21
C SER A 232 -26.53 -7.18 -1.20
N GLY A 233 -25.92 -7.87 -2.16
CA GLY A 233 -25.12 -7.26 -3.21
C GLY A 233 -24.74 -8.25 -4.29
N HIS A 234 -24.23 -7.72 -5.40
CA HIS A 234 -23.87 -8.48 -6.62
C HIS A 234 -22.44 -9.04 -6.65
N GLY A 235 -21.61 -8.64 -5.69
CA GLY A 235 -20.21 -9.03 -5.57
C GLY A 235 -19.82 -10.48 -5.76
N ILE A 236 -20.41 -11.40 -4.96
CA ILE A 236 -20.06 -12.83 -5.02
C ILE A 236 -20.37 -13.41 -6.41
N SER A 237 -21.54 -13.08 -6.97
CA SER A 237 -21.96 -13.54 -8.30
C SER A 237 -21.03 -13.01 -9.39
N ASN A 238 -20.66 -11.72 -9.29
CA ASN A 238 -19.76 -11.05 -10.21
C ASN A 238 -18.41 -11.73 -10.28
N LEU A 239 -17.84 -12.06 -9.09
CA LEU A 239 -16.55 -12.74 -8.93
C LEU A 239 -16.56 -14.15 -9.48
N ASP A 240 -17.70 -14.85 -9.34
CA ASP A 240 -17.91 -16.21 -9.82
C ASP A 240 -17.83 -16.25 -11.36
N CYS A 241 -18.02 -15.08 -12.02
CA CYS A 241 -18.00 -14.89 -13.48
C CYS A 241 -16.70 -14.25 -13.97
N LEU A 242 -15.69 -14.14 -13.09
CA LEU A 242 -14.41 -13.52 -13.41
C LEU A 242 -13.27 -14.48 -13.15
N ARG A 243 -13.51 -15.79 -13.41
CA ARG A 243 -12.55 -16.88 -13.28
C ARG A 243 -11.23 -16.53 -14.00
N ASP A 244 -11.31 -15.93 -15.20
CA ASP A 244 -10.14 -15.53 -16.00
C ASP A 244 -9.34 -14.40 -15.35
N TYR A 245 -10.04 -13.46 -14.71
CA TYR A 245 -9.42 -12.35 -14.00
C TYR A 245 -8.69 -12.89 -12.75
N LEU A 246 -9.39 -13.72 -11.98
CA LEU A 246 -8.85 -14.32 -10.76
C LEU A 246 -7.73 -15.34 -11.05
N ASP A 247 -7.94 -16.26 -12.02
CA ASP A 247 -6.94 -17.30 -12.34
C ASP A 247 -5.61 -16.79 -12.83
N GLY A 248 -5.62 -15.74 -13.67
CA GLY A 248 -4.40 -15.15 -14.24
C GLY A 248 -3.61 -16.12 -15.10
N SER A 249 -4.32 -17.03 -15.79
CA SER A 249 -3.71 -18.04 -16.65
C SER A 249 -3.39 -17.36 -17.97
N VAL A 250 -4.28 -16.41 -18.37
CA VAL A 250 -4.19 -15.64 -19.61
C VAL A 250 -4.36 -14.13 -19.38
N LYS A 251 -4.02 -13.34 -20.40
CA LYS A 251 -4.19 -11.89 -20.37
C LYS A 251 -5.68 -11.60 -20.63
N VAL A 252 -6.24 -10.60 -19.90
CA VAL A 252 -7.63 -10.12 -20.05
C VAL A 252 -7.61 -8.73 -20.69
N ASN A 253 -8.68 -8.37 -21.43
CA ASN A 253 -8.80 -7.07 -22.10
C ASN A 253 -9.47 -6.10 -21.15
N LEU A 254 -8.66 -5.27 -20.46
CA LEU A 254 -9.15 -4.28 -19.50
C LEU A 254 -9.45 -2.95 -20.16
N GLU A 255 -10.54 -2.27 -19.74
CA GLU A 255 -10.95 -0.97 -20.28
C GLU A 255 -11.16 0.12 -19.23
N ARG A 256 -10.71 1.36 -19.54
CA ARG A 256 -10.85 2.53 -18.68
C ARG A 256 -10.84 3.82 -19.50
N ARG A 262 -5.96 -1.91 -21.99
CA ARG A 262 -4.76 -2.75 -21.98
C ARG A 262 -5.10 -4.25 -21.93
N THR A 263 -4.28 -5.08 -22.59
CA THR A 263 -4.36 -6.54 -22.58
C THR A 263 -3.23 -7.02 -21.65
N GLN A 264 -3.60 -7.50 -20.46
CA GLN A 264 -2.65 -7.93 -19.43
C GLN A 264 -3.26 -8.97 -18.51
N VAL A 265 -2.40 -9.66 -17.74
CA VAL A 265 -2.82 -10.60 -16.71
C VAL A 265 -3.40 -9.72 -15.59
N PHE A 266 -4.65 -9.97 -15.17
CA PHE A 266 -5.30 -9.21 -14.10
C PHE A 266 -4.46 -9.34 -12.84
N PRO A 267 -4.26 -8.28 -12.02
CA PRO A 267 -3.38 -8.44 -10.84
C PRO A 267 -3.81 -9.53 -9.84
N PRO A 268 -2.85 -10.14 -9.10
CA PRO A 268 -3.26 -11.07 -8.01
C PRO A 268 -3.74 -10.24 -6.81
N GLY A 269 -4.17 -10.90 -5.74
CA GLY A 269 -4.59 -10.19 -4.55
C GLY A 269 -5.39 -10.91 -3.50
N ILE A 270 -6.33 -10.18 -2.90
CA ILE A 270 -7.19 -10.60 -1.80
C ILE A 270 -8.66 -10.28 -2.10
N VAL A 271 -9.54 -11.09 -1.55
CA VAL A 271 -10.97 -10.88 -1.56
C VAL A 271 -11.39 -10.90 -0.08
N THR A 272 -12.03 -9.81 0.39
CA THR A 272 -12.54 -9.80 1.76
C THR A 272 -14.06 -9.85 1.71
N MET A 273 -14.66 -10.53 2.66
CA MET A 273 -16.10 -10.68 2.71
C MET A 273 -16.58 -11.09 4.09
N ASN A 274 -17.85 -10.82 4.36
CA ASN A 274 -18.49 -11.27 5.59
C ASN A 274 -18.84 -12.76 5.44
N GLU A 275 -19.53 -13.36 6.41
CA GLU A 275 -19.82 -14.80 6.44
C GLU A 275 -20.96 -15.27 5.49
N TYR A 276 -20.82 -14.97 4.18
CA TYR A 276 -21.80 -15.42 3.19
C TYR A 276 -21.43 -16.82 2.72
N SER A 277 -22.39 -17.48 2.06
CA SER A 277 -22.14 -18.78 1.45
C SER A 277 -21.29 -18.55 0.19
N VAL A 278 -20.19 -19.30 0.05
CA VAL A 278 -19.29 -19.17 -1.11
C VAL A 278 -19.54 -20.34 -2.05
N PRO A 279 -20.05 -20.12 -3.30
CA PRO A 279 -20.25 -21.24 -4.23
C PRO A 279 -18.96 -22.03 -4.48
N ARG A 280 -19.11 -23.36 -4.64
CA ARG A 280 -18.02 -24.31 -4.87
C ARG A 280 -17.05 -23.87 -5.96
N THR A 281 -17.61 -23.27 -7.03
CA THR A 281 -16.86 -22.76 -8.19
C THR A 281 -15.96 -21.56 -7.82
N LEU A 282 -16.49 -20.62 -7.00
CA LEU A 282 -15.72 -19.45 -6.54
C LEU A 282 -14.70 -19.86 -5.47
N GLN A 283 -15.05 -20.81 -4.57
CA GLN A 283 -14.13 -21.29 -3.53
C GLN A 283 -12.84 -21.86 -4.13
N ALA A 284 -12.97 -22.60 -5.26
CA ALA A 284 -11.86 -23.21 -5.97
C ALA A 284 -10.83 -22.16 -6.46
N ARG A 285 -11.24 -20.89 -6.57
CA ARG A 285 -10.39 -19.80 -7.03
C ARG A 285 -9.36 -19.34 -6.00
N PHE A 286 -9.52 -19.71 -4.70
CA PHE A 286 -8.63 -19.25 -3.62
C PHE A 286 -7.68 -20.32 -3.11
N VAL A 287 -6.36 -20.04 -3.18
CA VAL A 287 -5.32 -20.96 -2.71
C VAL A 287 -5.38 -21.04 -1.18
N ARG A 288 -5.84 -19.96 -0.53
CA ARG A 288 -5.93 -19.92 0.92
C ARG A 288 -7.14 -19.14 1.37
N GLN A 289 -7.68 -19.54 2.53
CA GLN A 289 -8.76 -18.85 3.20
C GLN A 289 -8.36 -18.68 4.67
N ILE A 290 -8.35 -17.42 5.11
CA ILE A 290 -8.11 -17.10 6.51
C ILE A 290 -9.45 -16.59 7.06
N ASP A 291 -9.89 -17.20 8.17
CA ASP A 291 -11.11 -16.84 8.86
C ASP A 291 -10.70 -15.95 10.01
N PHE A 292 -11.36 -14.80 10.12
CA PHE A 292 -11.13 -13.81 11.16
C PHE A 292 -12.35 -13.81 12.06
N ARG A 293 -12.12 -14.04 13.35
CA ARG A 293 -13.17 -14.09 14.36
C ARG A 293 -12.96 -12.98 15.37
N PRO A 294 -14.03 -12.41 15.98
CA PRO A 294 -13.81 -11.35 16.97
C PRO A 294 -13.09 -11.85 18.21
N LYS A 295 -12.07 -11.11 18.63
CA LYS A 295 -11.31 -11.40 19.83
C LYS A 295 -11.49 -10.18 20.73
N ALA A 296 -12.16 -10.39 21.87
CA ALA A 296 -12.46 -9.31 22.81
C ALA A 296 -11.21 -8.57 23.25
N TYR A 297 -10.11 -9.33 23.57
CA TYR A 297 -8.85 -8.74 24.02
C TYR A 297 -8.24 -7.79 23.01
N LEU A 298 -8.31 -8.13 21.69
CA LEU A 298 -7.80 -7.26 20.62
C LEU A 298 -8.54 -5.93 20.56
N ARG A 299 -9.88 -5.97 20.68
CA ARG A 299 -10.74 -4.78 20.64
C ARG A 299 -10.51 -3.91 21.87
N LYS A 300 -10.40 -4.55 23.05
CA LYS A 300 -10.16 -3.88 24.34
C LYS A 300 -8.80 -3.19 24.33
N SER A 301 -7.73 -3.90 23.91
CA SER A 301 -6.36 -3.36 23.82
C SER A 301 -6.32 -2.13 22.90
N LEU A 302 -6.99 -2.22 21.72
CA LEU A 302 -7.10 -1.12 20.73
C LEU A 302 -7.82 0.10 21.37
N SER A 303 -8.93 -0.14 22.11
CA SER A 303 -9.67 0.91 22.86
C SER A 303 -8.73 1.66 23.81
N CYS A 304 -7.82 0.93 24.50
CA CYS A 304 -6.84 1.47 25.45
C CYS A 304 -5.59 2.06 24.78
N SER A 305 -5.49 1.94 23.44
CA SER A 305 -4.31 2.39 22.68
C SER A 305 -4.78 3.19 21.47
N GLU A 306 -5.52 4.27 21.75
CA GLU A 306 -6.22 5.13 20.78
C GLU A 306 -5.34 5.73 19.70
N TYR A 307 -4.04 5.90 19.96
CA TYR A 307 -3.10 6.43 18.97
C TYR A 307 -3.11 5.53 17.71
N LEU A 308 -3.37 4.21 17.86
CA LEU A 308 -3.38 3.27 16.73
C LEU A 308 -4.47 3.62 15.69
N LEU A 309 -5.67 3.95 16.21
CA LEU A 309 -6.84 4.35 15.44
C LEU A 309 -6.61 5.76 14.88
N GLU A 310 -6.24 6.71 15.76
CA GLU A 310 -6.01 8.12 15.40
C GLU A 310 -4.95 8.33 14.34
N LYS A 311 -3.84 7.58 14.43
CA LYS A 311 -2.74 7.76 13.49
C LYS A 311 -2.74 6.75 12.34
N ARG A 312 -3.85 5.97 12.20
CA ARG A 312 -4.10 4.98 11.14
C ARG A 312 -2.95 3.98 11.00
N ILE A 313 -2.44 3.49 12.15
CA ILE A 313 -1.26 2.61 12.19
C ILE A 313 -1.57 1.18 11.72
N LEU A 314 -2.71 0.60 12.15
CA LEU A 314 -3.03 -0.79 11.81
C LEU A 314 -3.29 -1.07 10.28
N GLN A 315 -3.62 -0.04 9.50
CA GLN A 315 -3.90 -0.09 8.05
C GLN A 315 -2.65 0.21 7.23
N SER A 316 -1.52 0.50 7.88
CA SER A 316 -0.30 0.97 7.23
C SER A 316 0.67 -0.12 6.82
N GLY A 317 1.17 0.01 5.60
CA GLY A 317 2.18 -0.89 5.06
C GLY A 317 3.52 -0.68 5.74
N MET A 318 3.73 0.48 6.38
CA MET A 318 4.96 0.80 7.13
C MET A 318 4.98 -0.06 8.42
N THR A 319 3.80 -0.30 9.01
CA THR A 319 3.65 -1.15 10.19
C THR A 319 4.04 -2.60 9.83
N LEU A 320 3.56 -3.09 8.65
CA LEU A 320 3.91 -4.44 8.24
C LEU A 320 5.37 -4.52 7.85
N LEU A 321 5.94 -3.45 7.25
CA LEU A 321 7.36 -3.50 6.91
C LEU A 321 8.19 -3.52 8.21
N LEU A 322 7.79 -2.68 9.21
CA LEU A 322 8.41 -2.66 10.54
C LEU A 322 8.31 -4.03 11.18
N LEU A 323 7.15 -4.71 11.03
CA LEU A 323 6.93 -6.06 11.57
C LEU A 323 7.98 -7.01 10.97
N LEU A 324 8.10 -7.01 9.65
CA LEU A 324 9.03 -7.82 8.87
C LEU A 324 10.48 -7.54 9.27
N ILE A 325 10.85 -6.25 9.44
CA ILE A 325 12.21 -5.84 9.84
C ILE A 325 12.50 -6.32 11.29
N TRP A 326 11.48 -6.35 12.15
CA TRP A 326 11.64 -6.82 13.53
C TRP A 326 11.87 -8.32 13.61
N PHE A 327 11.09 -9.11 12.86
CA PHE A 327 11.13 -10.57 12.98
C PHE A 327 12.12 -11.29 12.08
N ARG A 328 12.30 -10.79 10.86
CA ARG A 328 13.08 -11.47 9.82
C ARG A 328 14.50 -10.96 9.63
N PRO A 329 15.47 -11.88 9.42
CA PRO A 329 16.85 -11.44 9.19
C PRO A 329 17.03 -10.78 7.82
N VAL A 330 18.18 -10.09 7.65
CA VAL A 330 18.54 -9.35 6.42
C VAL A 330 18.43 -10.24 5.15
N ALA A 331 18.74 -11.55 5.26
CA ALA A 331 18.67 -12.50 4.13
C ALA A 331 17.25 -12.72 3.59
N ASP A 332 16.20 -12.47 4.39
CA ASP A 332 14.79 -12.60 3.96
C ASP A 332 14.33 -11.45 3.02
N PHE A 333 15.19 -10.43 2.85
CA PHE A 333 14.93 -9.25 2.01
C PHE A 333 15.81 -9.30 0.80
N ALA A 334 15.35 -8.72 -0.31
CA ALA A 334 16.13 -8.68 -1.55
C ALA A 334 17.44 -7.93 -1.29
N ALA A 335 18.54 -8.38 -1.94
CA ALA A 335 19.89 -7.83 -1.81
C ALA A 335 19.98 -6.31 -1.97
N ALA A 336 19.17 -5.74 -2.89
CA ALA A 336 19.13 -4.31 -3.19
C ALA A 336 18.70 -3.41 -2.00
N ILE A 337 17.99 -3.95 -1.00
CA ILE A 337 17.59 -3.15 0.17
C ILE A 337 18.28 -3.57 1.47
N HIS A 338 19.32 -4.46 1.42
CA HIS A 338 20.04 -4.95 2.60
C HIS A 338 20.59 -3.84 3.53
N GLU A 339 21.16 -2.77 2.95
CA GLU A 339 21.74 -1.63 3.68
C GLU A 339 20.69 -0.83 4.47
N ARG A 340 19.49 -0.67 3.90
CA ARG A 340 18.38 0.05 4.53
C ARG A 340 17.76 -0.78 5.65
N ILE A 341 17.70 -2.11 5.49
CA ILE A 341 17.14 -3.04 6.48
C ILE A 341 18.05 -3.03 7.71
N VAL A 342 19.37 -3.08 7.48
CA VAL A 342 20.41 -3.03 8.53
C VAL A 342 20.23 -1.74 9.34
N GLN A 343 20.19 -0.55 8.69
CA GLN A 343 20.02 0.71 9.43
C GLN A 343 18.72 0.72 10.22
N TRP A 344 17.62 0.15 9.67
CA TRP A 344 16.34 0.09 10.36
C TRP A 344 16.33 -0.91 11.53
N LYS A 345 17.10 -2.03 11.43
CA LYS A 345 17.20 -3.02 12.52
C LYS A 345 17.91 -2.38 13.72
N GLU A 346 18.96 -1.57 13.44
CA GLU A 346 19.73 -0.82 14.45
C GLU A 346 18.84 0.21 15.14
N ARG A 347 17.97 0.88 14.36
CA ARG A 347 17.02 1.87 14.89
C ARG A 347 16.00 1.20 15.84
N LEU A 348 15.45 0.05 15.43
CA LEU A 348 14.48 -0.69 16.24
C LEU A 348 15.08 -1.27 17.52
N ASP A 349 16.32 -1.75 17.47
CA ASP A 349 17.04 -2.29 18.63
C ASP A 349 17.23 -1.26 19.72
N LEU A 350 17.37 0.03 19.34
CA LEU A 350 17.56 1.14 20.27
C LEU A 350 16.30 1.45 21.03
N GLU A 351 15.14 1.17 20.43
CA GLU A 351 13.82 1.49 21.01
C GLU A 351 13.05 0.34 21.63
N ILE A 352 13.25 -0.88 21.17
CA ILE A 352 12.54 -2.03 21.73
C ILE A 352 13.52 -3.23 21.79
N SER A 353 13.26 -4.16 22.71
CA SER A 353 14.05 -5.40 22.78
C SER A 353 13.05 -6.58 22.59
N MET A 354 13.54 -7.81 22.42
CA MET A 354 12.66 -8.99 22.28
C MET A 354 11.86 -9.15 23.59
N TYR A 355 12.47 -8.79 24.71
CA TYR A 355 11.81 -8.79 26.01
C TYR A 355 10.65 -7.81 26.08
N THR A 356 10.89 -6.53 25.71
CA THR A 356 9.85 -5.51 25.78
C THR A 356 8.78 -5.72 24.71
N PHE A 357 9.17 -6.31 23.57
CA PHE A 357 8.21 -6.64 22.51
C PHE A 357 7.26 -7.73 23.02
N SER A 358 7.80 -8.70 23.74
CA SER A 358 6.99 -9.76 24.28
C SER A 358 6.04 -9.21 25.39
N THR A 359 6.47 -8.15 26.13
CA THR A 359 5.63 -7.51 27.15
C THR A 359 4.44 -6.86 26.45
N MET A 360 4.69 -6.15 25.32
CA MET A 360 3.64 -5.50 24.53
C MET A 360 2.57 -6.50 24.07
N LYS A 361 2.98 -7.69 23.60
CA LYS A 361 2.08 -8.76 23.16
C LYS A 361 1.26 -9.32 24.31
N ALA A 362 1.90 -9.52 25.50
CA ALA A 362 1.21 -9.95 26.71
C ALA A 362 0.11 -8.90 27.09
N ASN A 363 0.43 -7.59 26.93
CA ASN A 363 -0.52 -6.49 27.20
C ASN A 363 -1.71 -6.55 26.24
N VAL A 364 -1.45 -6.84 24.95
CA VAL A 364 -2.51 -7.03 23.94
C VAL A 364 -3.42 -8.18 24.39
N GLY A 365 -2.80 -9.31 24.77
CA GLY A 365 -3.47 -10.52 25.24
C GLY A 365 -4.35 -10.29 26.45
N MET A 366 -4.03 -9.29 27.29
CA MET A 366 -4.78 -8.92 28.48
C MET A 366 -5.85 -7.86 28.20
N GLY A 367 -5.83 -7.29 26.99
CA GLY A 367 -6.72 -6.23 26.58
C GLY A 367 -6.36 -4.92 27.25
N ALA A 368 -5.10 -4.79 27.64
CA ALA A 368 -4.56 -3.61 28.36
C ALA A 368 -3.90 -2.63 27.38
N PRO A 369 -3.57 -1.37 27.81
CA PRO A 369 -2.85 -0.47 26.88
C PRO A 369 -1.55 -1.16 26.49
N ILE A 370 -1.15 -1.02 25.22
CA ILE A 370 0.04 -1.72 24.72
C ILE A 370 1.31 -1.09 25.28
N LEU A 371 1.30 0.21 25.43
CA LEU A 371 2.46 0.93 25.97
C LEU A 371 2.22 1.30 27.43
N ASP A 372 3.10 0.79 28.32
CA ASP A 372 3.02 1.00 29.78
C ASP A 372 3.49 2.40 30.19
#